data_1Q22
#
_entry.id   1Q22
#
_cell.length_a   75.859
_cell.length_b   75.859
_cell.length_c   253.807
_cell.angle_alpha   90.00
_cell.angle_beta   90.00
_cell.angle_gamma   90.00
#
_symmetry.space_group_name_H-M   'P 41 21 2'
#
loop_
_entity.id
_entity.type
_entity.pdbx_description
1 polymer 'sulfotransferase family, cytosolic, 2B, member 1 isoform b'
2 non-polymer 'SODIUM ION'
3 non-polymer "ADENOSINE-3'-5'-DIPHOSPHATE"
4 non-polymer 3-BETA-HYDROXY-5-ANDROSTEN-17-ONE
5 water water
#
_entity_poly.entity_id   1
_entity_poly.type   'polypeptide(L)'
_entity_poly.pdbx_seq_one_letter_code
;GSPNSDISEISQKLPGEYFRYKGVPFPVGLYSLESISLAENTQDVRDDDIFIITYPKSGTTWMIEIICLILKEGDPSWIR
SVPIWERAPWCETIVGAFSLPDQYSPRLMSSHLPIQIFTKAFFSSKAKVIYMGRNPRDVVVSLYHYSKIAGQLKDPGTPD
QFLRDFLKGEVQFGSWFDHIKGWLRMKGKDNFLFITYEELQQDLQGSVERICGFLGRPLGKEALGSVVAHSTFSAMKANT
MSNYTLLPPSLLDHRRGAFLRKGVCGDWKNHFTVAQSEAFDRAYRKQMRGMPTFPWDED
;
_entity_poly.pdbx_strand_id   A
#
# COMPACT_ATOMS: atom_id res chain seq x y z
N SER A 5 15.09 -10.22 17.30
CA SER A 5 15.04 -10.00 18.77
C SER A 5 14.68 -8.55 19.10
N ASP A 6 15.17 -7.62 18.28
CA ASP A 6 14.89 -6.19 18.47
C ASP A 6 13.47 -5.92 17.97
N ILE A 7 13.18 -6.42 16.78
CA ILE A 7 11.86 -6.28 16.17
C ILE A 7 10.84 -7.11 16.97
N SER A 8 11.32 -8.20 17.58
CA SER A 8 10.47 -9.09 18.38
C SER A 8 10.01 -8.42 19.68
N GLU A 9 10.92 -7.73 20.35
CA GLU A 9 10.58 -7.04 21.60
C GLU A 9 9.58 -5.94 21.30
N ILE A 10 9.83 -5.19 20.23
CA ILE A 10 8.95 -4.10 19.82
C ILE A 10 7.54 -4.60 19.56
N SER A 11 7.41 -5.56 18.66
CA SER A 11 6.12 -6.14 18.28
C SER A 11 5.20 -6.50 19.47
N GLN A 12 5.77 -7.12 20.51
CA GLN A 12 4.97 -7.52 21.66
C GLN A 12 4.51 -6.36 22.55
N LYS A 13 5.09 -5.18 22.32
CA LYS A 13 4.73 -3.99 23.10
C LYS A 13 3.68 -3.11 22.40
N LEU A 14 3.23 -3.52 21.21
CA LEU A 14 2.25 -2.74 20.46
C LEU A 14 0.91 -2.63 21.19
N PRO A 15 0.49 -1.38 21.46
CA PRO A 15 -0.76 -1.04 22.15
C PRO A 15 -2.00 -1.29 21.31
N GLY A 16 -1.84 -1.18 19.99
CA GLY A 16 -2.97 -1.35 19.11
C GLY A 16 -3.78 -0.07 19.21
N GLU A 17 -3.10 1.06 19.11
CA GLU A 17 -3.75 2.37 19.21
C GLU A 17 -3.19 3.36 18.18
N TYR A 18 -3.72 4.58 18.22
CA TYR A 18 -3.31 5.62 17.29
C TYR A 18 -2.81 6.88 17.99
N PHE A 19 -2.07 7.68 17.24
CA PHE A 19 -1.57 8.97 17.70
C PHE A 19 -1.73 9.86 16.47
N ARG A 20 -1.72 11.18 16.64
CA ARG A 20 -1.91 12.04 15.47
C ARG A 20 -0.75 12.93 15.06
N TYR A 21 -0.57 13.05 13.76
CA TYR A 21 0.48 13.90 13.21
C TYR A 21 -0.18 14.81 12.19
N LYS A 22 -0.23 16.10 12.52
CA LYS A 22 -0.85 17.10 11.65
C LYS A 22 -2.26 16.65 11.25
N GLY A 23 -3.04 16.22 12.24
CA GLY A 23 -4.40 15.79 11.99
C GLY A 23 -4.62 14.38 11.45
N VAL A 24 -3.55 13.66 11.13
CA VAL A 24 -3.69 12.31 10.59
C VAL A 24 -3.38 11.19 11.60
N PRO A 25 -4.21 10.13 11.62
CA PRO A 25 -4.01 9.01 12.53
C PRO A 25 -2.89 8.06 12.09
N PHE A 26 -1.98 7.76 13.02
CA PHE A 26 -0.89 6.82 12.73
C PHE A 26 -0.84 5.73 13.83
N PRO A 27 -0.59 4.47 13.45
CA PRO A 27 -0.53 3.42 14.47
C PRO A 27 0.64 3.64 15.42
N VAL A 28 0.39 3.53 16.73
CA VAL A 28 1.41 3.71 17.75
C VAL A 28 2.40 2.53 17.72
N GLY A 29 3.67 2.83 17.93
CA GLY A 29 4.67 1.78 17.95
C GLY A 29 5.50 1.60 16.69
N LEU A 30 4.86 1.59 15.53
CA LEU A 30 5.60 1.41 14.28
C LEU A 30 5.85 2.75 13.59
N TYR A 31 5.39 3.83 14.22
CA TYR A 31 5.53 5.19 13.71
C TYR A 31 5.71 6.14 14.89
N SER A 32 6.37 7.26 14.65
CA SER A 32 6.59 8.27 15.68
C SER A 32 6.61 9.68 15.07
N LEU A 33 6.38 10.69 15.91
CA LEU A 33 6.41 12.07 15.45
C LEU A 33 7.68 12.26 14.62
N GLU A 34 8.78 11.71 15.13
CA GLU A 34 10.09 11.82 14.51
C GLU A 34 10.27 10.99 13.24
N SER A 35 9.81 9.74 13.24
CA SER A 35 9.97 8.91 12.05
C SER A 35 9.23 9.54 10.87
N ILE A 36 8.07 10.10 11.14
CA ILE A 36 7.25 10.75 10.12
C ILE A 36 7.88 12.08 9.71
N SER A 37 8.17 12.92 10.71
CA SER A 37 8.79 14.21 10.48
C SER A 37 10.00 14.09 9.57
N LEU A 38 10.80 13.05 9.81
CA LEU A 38 12.01 12.82 9.02
C LEU A 38 11.71 12.58 7.54
N ALA A 39 10.73 11.74 7.26
CA ALA A 39 10.38 11.45 5.87
C ALA A 39 9.78 12.66 5.19
N GLU A 40 9.02 13.43 5.95
CA GLU A 40 8.37 14.62 5.43
C GLU A 40 9.37 15.69 5.00
N ASN A 41 10.37 15.90 5.85
CA ASN A 41 11.37 16.93 5.62
C ASN A 41 12.74 16.55 5.08
N THR A 42 13.07 15.27 5.03
CA THR A 42 14.38 14.88 4.51
C THR A 42 14.63 15.52 3.15
N GLN A 43 15.89 15.80 2.87
CA GLN A 43 16.26 16.40 1.59
C GLN A 43 16.77 15.35 0.63
N ASP A 44 17.02 14.15 1.15
CA ASP A 44 17.54 13.06 0.35
C ASP A 44 16.54 12.46 -0.63
N VAL A 45 16.33 13.11 -1.76
CA VAL A 45 15.43 12.61 -2.79
C VAL A 45 16.25 12.58 -4.07
N ARG A 46 16.36 11.42 -4.71
CA ARG A 46 17.19 11.31 -5.90
C ARG A 46 16.47 11.16 -7.22
N ASP A 47 17.13 11.55 -8.30
CA ASP A 47 16.55 11.48 -9.64
C ASP A 47 16.11 10.08 -10.07
N ASP A 48 16.81 9.06 -9.58
CA ASP A 48 16.47 7.70 -9.95
C ASP A 48 15.74 6.94 -8.84
N ASP A 49 15.36 7.66 -7.78
CA ASP A 49 14.61 7.06 -6.69
C ASP A 49 13.24 6.61 -7.22
N ILE A 50 12.71 5.55 -6.62
CA ILE A 50 11.39 5.05 -7.02
C ILE A 50 10.53 4.85 -5.78
N PHE A 51 9.35 5.47 -5.80
CA PHE A 51 8.38 5.42 -4.71
C PHE A 51 7.08 4.70 -5.09
N ILE A 52 6.59 3.85 -4.20
CA ILE A 52 5.32 3.16 -4.42
C ILE A 52 4.44 3.76 -3.32
N ILE A 53 3.41 4.50 -3.73
CA ILE A 53 2.51 5.16 -2.81
C ILE A 53 1.10 4.63 -2.95
N THR A 54 0.48 4.37 -1.79
CA THR A 54 -0.87 3.81 -1.76
C THR A 54 -1.57 4.12 -0.43
N TYR A 55 -2.88 3.95 -0.44
CA TYR A 55 -3.66 4.06 0.80
C TYR A 55 -3.63 2.57 1.22
N PRO A 56 -3.39 2.27 2.50
CA PRO A 56 -3.34 0.88 2.98
C PRO A 56 -4.36 -0.11 2.39
N LYS A 57 -3.89 -1.33 2.14
CA LYS A 57 -4.70 -2.41 1.60
C LYS A 57 -5.15 -2.29 0.15
N SER A 58 -4.41 -1.53 -0.65
CA SER A 58 -4.78 -1.37 -2.06
C SER A 58 -3.99 -2.30 -2.97
N GLY A 59 -3.07 -3.05 -2.38
CA GLY A 59 -2.26 -3.97 -3.18
C GLY A 59 -0.84 -3.48 -3.29
N THR A 60 -0.36 -2.85 -2.24
CA THR A 60 1.00 -2.34 -2.19
C THR A 60 1.94 -3.52 -2.43
N THR A 61 1.78 -4.57 -1.62
CA THR A 61 2.61 -5.76 -1.74
C THR A 61 2.70 -6.21 -3.18
N TRP A 62 1.57 -6.29 -3.87
CA TRP A 62 1.56 -6.72 -5.25
C TRP A 62 2.49 -5.80 -6.09
N MET A 63 2.31 -4.48 -5.97
CA MET A 63 3.13 -3.52 -6.72
C MET A 63 4.62 -3.66 -6.37
N ILE A 64 4.94 -3.77 -5.09
CA ILE A 64 6.34 -3.90 -4.64
C ILE A 64 7.06 -5.10 -5.28
N GLU A 65 6.38 -6.23 -5.30
CA GLU A 65 6.92 -7.46 -5.87
C GLU A 65 7.11 -7.29 -7.38
N ILE A 66 6.19 -6.59 -8.01
CA ILE A 66 6.29 -6.38 -9.45
C ILE A 66 7.52 -5.57 -9.82
N ILE A 67 7.85 -4.57 -9.02
CA ILE A 67 8.99 -3.75 -9.37
C ILE A 67 10.30 -4.39 -8.96
N CYS A 68 10.25 -5.24 -7.94
CA CYS A 68 11.44 -5.94 -7.49
C CYS A 68 11.83 -6.90 -8.60
N LEU A 69 10.83 -7.43 -9.30
CA LEU A 69 11.08 -8.35 -10.40
C LEU A 69 11.54 -7.59 -11.65
N ILE A 70 10.97 -6.42 -11.89
CA ILE A 70 11.35 -5.61 -13.04
C ILE A 70 12.81 -5.17 -12.91
N LEU A 71 13.18 -4.69 -11.73
CA LEU A 71 14.54 -4.24 -11.46
C LEU A 71 15.57 -5.35 -11.70
N LYS A 72 15.23 -6.58 -11.33
CA LYS A 72 16.14 -7.70 -11.51
C LYS A 72 15.83 -8.38 -12.83
N GLU A 73 15.18 -7.64 -13.72
CA GLU A 73 14.84 -8.13 -15.04
C GLU A 73 14.26 -9.54 -15.09
N GLY A 74 13.38 -9.88 -14.15
CA GLY A 74 12.76 -11.19 -14.15
C GLY A 74 13.37 -12.27 -13.27
N ASP A 75 14.59 -12.03 -12.79
CA ASP A 75 15.30 -12.98 -11.92
C ASP A 75 14.75 -12.97 -10.50
N PRO A 76 13.99 -14.01 -10.10
CA PRO A 76 13.35 -14.21 -8.79
C PRO A 76 14.28 -14.30 -7.60
N SER A 77 15.57 -14.45 -7.89
CA SER A 77 16.56 -14.59 -6.83
C SER A 77 16.39 -13.58 -5.69
N TRP A 78 16.26 -12.31 -6.04
CA TRP A 78 16.14 -11.28 -5.02
C TRP A 78 14.90 -11.39 -4.12
N ILE A 79 13.73 -11.64 -4.72
CA ILE A 79 12.49 -11.75 -3.93
C ILE A 79 12.39 -13.06 -3.15
N ARG A 80 13.09 -14.09 -3.60
CA ARG A 80 13.10 -15.39 -2.92
C ARG A 80 13.96 -15.35 -1.68
N SER A 81 15.02 -14.55 -1.73
CA SER A 81 16.00 -14.47 -0.65
C SER A 81 15.99 -13.27 0.28
N VAL A 82 15.35 -12.18 -0.13
CA VAL A 82 15.32 -10.98 0.71
C VAL A 82 13.90 -10.59 1.10
N PRO A 83 13.68 -10.27 2.39
CA PRO A 83 12.36 -9.87 2.90
C PRO A 83 11.77 -8.70 2.12
N ILE A 84 10.48 -8.80 1.78
CA ILE A 84 9.79 -7.75 1.04
C ILE A 84 9.99 -6.34 1.62
N TRP A 85 9.90 -6.20 2.95
CA TRP A 85 10.03 -4.91 3.61
C TRP A 85 11.44 -4.34 3.60
N GLU A 86 12.38 -5.18 3.18
CA GLU A 86 13.77 -4.77 3.08
C GLU A 86 14.10 -4.34 1.64
N ARG A 87 13.37 -4.90 0.68
CA ARG A 87 13.59 -4.57 -0.73
C ARG A 87 12.98 -3.20 -1.11
N ALA A 88 11.93 -2.78 -0.40
CA ALA A 88 11.25 -1.50 -0.66
C ALA A 88 10.75 -0.91 0.67
N PRO A 89 11.67 -0.56 1.58
CA PRO A 89 11.46 0.00 2.92
C PRO A 89 10.47 1.16 2.98
N TRP A 90 9.77 1.28 4.10
CA TRP A 90 8.79 2.35 4.28
C TRP A 90 9.45 3.65 4.76
N CYS A 91 9.00 4.78 4.22
CA CYS A 91 9.56 6.09 4.54
C CYS A 91 9.23 6.63 5.93
N GLU A 92 7.96 6.50 6.32
CA GLU A 92 7.47 7.00 7.60
C GLU A 92 7.63 6.09 8.82
N THR A 93 7.89 4.81 8.61
CA THR A 93 8.07 3.86 9.71
C THR A 93 9.34 4.20 10.49
N ILE A 94 9.33 3.93 11.79
CA ILE A 94 10.46 4.23 12.66
C ILE A 94 11.78 3.67 12.14
N VAL A 95 11.70 2.54 11.46
CA VAL A 95 12.90 1.96 10.85
C VAL A 95 12.67 2.14 9.35
N GLY A 96 12.89 3.36 8.86
CA GLY A 96 12.66 3.63 7.46
C GLY A 96 13.87 3.79 6.56
N ALA A 97 13.63 3.78 5.24
CA ALA A 97 14.71 3.90 4.25
C ALA A 97 15.58 5.13 4.49
N PHE A 98 15.01 6.14 5.14
CA PHE A 98 15.73 7.38 5.44
C PHE A 98 16.53 7.25 6.74
N SER A 99 16.27 6.18 7.49
CA SER A 99 16.99 5.91 8.74
C SER A 99 17.81 4.63 8.52
N LEU A 100 18.32 4.49 7.29
CA LEU A 100 19.13 3.33 6.90
C LEU A 100 20.15 3.72 5.82
N PRO A 101 21.21 2.92 5.67
CA PRO A 101 22.28 3.13 4.69
C PRO A 101 21.89 2.61 3.30
N ASP A 102 22.52 3.15 2.26
CA ASP A 102 22.23 2.71 0.91
C ASP A 102 22.57 1.24 0.71
N PRO A 106 19.46 1.95 -7.72
CA PRO A 106 18.14 2.59 -7.73
C PRO A 106 17.37 2.28 -6.45
N ARG A 107 17.13 3.29 -5.63
CA ARG A 107 16.38 3.05 -4.38
C ARG A 107 14.89 2.83 -4.64
N LEU A 108 14.34 1.75 -4.10
CA LEU A 108 12.91 1.45 -4.22
C LEU A 108 12.37 1.64 -2.80
N MET A 109 11.35 2.49 -2.68
CA MET A 109 10.77 2.80 -1.38
C MET A 109 9.24 2.73 -1.38
N SER A 110 8.66 2.58 -0.19
CA SER A 110 7.21 2.48 -0.07
C SER A 110 6.66 3.50 0.91
N SER A 111 5.42 3.93 0.68
CA SER A 111 4.80 4.90 1.57
C SER A 111 3.28 4.93 1.52
N HIS A 112 2.66 5.17 2.68
CA HIS A 112 1.21 5.29 2.78
C HIS A 112 0.78 6.74 3.09
N LEU A 113 1.75 7.65 3.13
CA LEU A 113 1.47 9.04 3.44
C LEU A 113 0.63 9.81 2.41
N PRO A 114 -0.30 10.64 2.90
CA PRO A 114 -1.15 11.44 2.00
C PRO A 114 -0.29 12.62 1.49
N ILE A 115 -0.49 13.03 0.25
CA ILE A 115 0.31 14.10 -0.35
C ILE A 115 0.67 15.33 0.49
N GLN A 116 -0.16 15.75 1.43
CA GLN A 116 0.21 16.92 2.21
C GLN A 116 1.28 16.61 3.25
N ILE A 117 1.58 15.33 3.46
CA ILE A 117 2.61 14.95 4.43
C ILE A 117 3.81 14.26 3.79
N PHE A 118 3.63 13.68 2.60
CA PHE A 118 4.70 13.02 1.89
C PHE A 118 5.90 13.92 1.69
N THR A 119 7.09 13.31 1.63
CA THR A 119 8.37 14.01 1.43
C THR A 119 8.25 15.22 0.50
N LYS A 120 8.18 16.41 1.10
CA LYS A 120 8.03 17.67 0.36
C LYS A 120 9.08 17.97 -0.70
N ALA A 121 10.31 17.53 -0.47
CA ALA A 121 11.37 17.74 -1.43
C ALA A 121 11.12 16.97 -2.72
N PHE A 122 10.03 16.20 -2.75
CA PHE A 122 9.70 15.43 -3.93
C PHE A 122 9.22 16.29 -5.08
N PHE A 123 8.31 17.20 -4.78
CA PHE A 123 7.71 18.08 -5.77
C PHE A 123 8.67 18.82 -6.72
N SER A 124 9.90 19.02 -6.27
CA SER A 124 10.90 19.69 -7.09
C SER A 124 11.97 18.70 -7.56
N SER A 125 11.67 17.40 -7.50
CA SER A 125 12.62 16.36 -7.92
C SER A 125 12.21 15.61 -9.19
N LYS A 126 13.03 14.64 -9.59
CA LYS A 126 12.74 13.84 -10.78
C LYS A 126 12.41 12.40 -10.40
N ALA A 127 12.41 12.13 -9.10
CA ALA A 127 12.11 10.80 -8.57
C ALA A 127 10.78 10.34 -9.16
N LYS A 128 10.60 9.04 -9.30
CA LYS A 128 9.35 8.53 -9.86
C LYS A 128 8.40 8.05 -8.78
N VAL A 129 7.10 8.24 -8.99
CA VAL A 129 6.09 7.80 -8.04
C VAL A 129 5.00 7.02 -8.75
N ILE A 130 4.73 5.82 -8.27
CA ILE A 130 3.66 5.01 -8.82
C ILE A 130 2.59 5.06 -7.74
N TYR A 131 1.41 5.58 -8.04
CA TYR A 131 0.34 5.61 -7.05
C TYR A 131 -0.64 4.52 -7.44
N MET A 132 -1.06 3.73 -6.47
CA MET A 132 -1.97 2.66 -6.80
C MET A 132 -3.27 2.80 -6.02
N GLY A 133 -4.39 2.68 -6.73
CA GLY A 133 -5.68 2.78 -6.08
C GLY A 133 -6.49 1.51 -6.22
N ARG A 134 -7.37 1.26 -5.25
CA ARG A 134 -8.21 0.06 -5.28
C ARG A 134 -9.65 0.47 -4.96
N ASN A 135 -10.61 -0.37 -5.29
CA ASN A 135 -12.01 -0.08 -4.99
C ASN A 135 -12.10 0.17 -3.49
N PRO A 136 -12.52 1.38 -3.08
CA PRO A 136 -12.58 1.61 -1.63
C PRO A 136 -13.37 0.58 -0.84
N ARG A 137 -14.35 -0.06 -1.45
CA ARG A 137 -15.17 -1.07 -0.76
C ARG A 137 -14.31 -2.30 -0.43
N ASP A 138 -13.52 -2.75 -1.41
CA ASP A 138 -12.64 -3.89 -1.22
C ASP A 138 -11.53 -3.53 -0.23
N VAL A 139 -11.24 -2.24 -0.12
CA VAL A 139 -10.21 -1.79 0.81
C VAL A 139 -10.73 -1.91 2.23
N VAL A 140 -12.01 -1.58 2.41
CA VAL A 140 -12.67 -1.64 3.71
C VAL A 140 -12.65 -3.08 4.22
N VAL A 141 -12.94 -4.02 3.33
CA VAL A 141 -12.96 -5.43 3.71
C VAL A 141 -11.56 -5.89 4.09
N SER A 142 -10.63 -5.75 3.16
CA SER A 142 -9.25 -6.13 3.38
C SER A 142 -8.72 -5.59 4.71
N LEU A 143 -8.95 -4.31 4.95
CA LEU A 143 -8.51 -3.65 6.16
C LEU A 143 -9.20 -4.14 7.43
N TYR A 144 -10.47 -4.51 7.30
CA TYR A 144 -11.25 -5.01 8.44
C TYR A 144 -10.62 -6.30 8.95
N HIS A 145 -10.40 -7.24 8.04
CA HIS A 145 -9.81 -8.51 8.39
C HIS A 145 -8.38 -8.34 8.86
N TYR A 146 -7.60 -7.57 8.10
CA TYR A 146 -6.20 -7.37 8.45
C TYR A 146 -6.05 -6.76 9.85
N SER A 147 -6.99 -5.93 10.26
CA SER A 147 -6.91 -5.30 11.57
C SER A 147 -6.95 -6.31 12.72
N LYS A 148 -7.74 -7.36 12.55
CA LYS A 148 -7.89 -8.38 13.57
C LYS A 148 -6.58 -9.14 13.83
N ILE A 149 -5.72 -9.21 12.81
CA ILE A 149 -4.46 -9.93 12.97
C ILE A 149 -3.22 -9.04 13.06
N ALA A 150 -3.38 -7.76 12.73
CA ALA A 150 -2.25 -6.81 12.78
C ALA A 150 -2.03 -6.25 14.18
N GLY A 151 -0.87 -6.54 14.76
CA GLY A 151 -0.59 -6.06 16.10
C GLY A 151 -0.65 -4.57 16.34
N GLN A 152 -0.32 -3.77 15.33
CA GLN A 152 -0.33 -2.32 15.49
C GLN A 152 -1.73 -1.70 15.39
N LEU A 153 -2.70 -2.48 14.92
CA LEU A 153 -4.07 -2.02 14.75
C LEU A 153 -5.05 -2.45 15.83
N LYS A 154 -5.97 -1.55 16.17
CA LYS A 154 -7.00 -1.83 17.16
C LYS A 154 -8.04 -2.75 16.51
N ASP A 155 -8.78 -3.52 17.31
CA ASP A 155 -9.79 -4.40 16.72
C ASP A 155 -10.83 -3.54 16.01
N PRO A 156 -11.25 -3.95 14.81
CA PRO A 156 -12.23 -3.22 14.00
C PRO A 156 -13.58 -2.96 14.68
N GLY A 157 -14.00 -3.89 15.54
CA GLY A 157 -15.30 -3.75 16.17
C GLY A 157 -16.24 -4.44 15.20
N THR A 158 -17.50 -4.02 15.16
CA THR A 158 -18.45 -4.64 14.25
C THR A 158 -18.24 -4.12 12.82
N PRO A 159 -18.56 -4.95 11.82
CA PRO A 159 -18.39 -4.52 10.43
C PRO A 159 -19.03 -3.16 10.25
N ASP A 160 -20.18 -3.02 10.88
CA ASP A 160 -20.93 -1.79 10.77
C ASP A 160 -20.29 -0.59 11.44
N GLN A 161 -19.68 -0.78 12.60
CA GLN A 161 -19.05 0.36 13.26
C GLN A 161 -17.74 0.69 12.54
N PHE A 162 -17.05 -0.35 12.08
CA PHE A 162 -15.80 -0.13 11.37
C PHE A 162 -16.02 0.69 10.10
N LEU A 163 -17.17 0.51 9.45
CA LEU A 163 -17.49 1.23 8.23
C LEU A 163 -17.72 2.73 8.47
N ARG A 164 -18.24 3.06 9.64
CA ARG A 164 -18.51 4.45 10.01
C ARG A 164 -17.17 5.11 10.29
N ASP A 165 -16.27 4.34 10.89
CA ASP A 165 -14.94 4.85 11.19
C ASP A 165 -14.23 5.12 9.86
N PHE A 166 -14.35 4.17 8.95
CA PHE A 166 -13.71 4.31 7.64
C PHE A 166 -14.24 5.53 6.91
N LEU A 167 -15.57 5.65 6.80
CA LEU A 167 -16.17 6.78 6.11
C LEU A 167 -15.80 8.13 6.71
N LYS A 168 -15.49 8.14 8.00
CA LYS A 168 -15.13 9.39 8.68
C LYS A 168 -13.62 9.58 8.74
N GLY A 169 -12.87 8.77 8.00
CA GLY A 169 -11.41 8.88 8.03
C GLY A 169 -10.86 8.61 9.43
N GLU A 170 -11.63 7.91 10.25
CA GLU A 170 -11.18 7.58 11.59
C GLU A 170 -10.39 6.27 11.56
N VAL A 171 -9.44 6.20 10.64
CA VAL A 171 -8.60 5.01 10.53
C VAL A 171 -7.17 5.43 10.22
N GLN A 172 -6.26 4.47 10.29
CA GLN A 172 -4.86 4.77 10.02
C GLN A 172 -4.69 5.50 8.68
N PHE A 173 -3.93 6.58 8.69
CA PHE A 173 -3.66 7.35 7.47
C PHE A 173 -4.83 8.22 6.99
N GLY A 174 -5.86 8.36 7.83
CA GLY A 174 -6.99 9.19 7.48
C GLY A 174 -7.93 8.71 6.39
N SER A 175 -8.66 9.67 5.82
CA SER A 175 -9.64 9.42 4.78
C SER A 175 -9.10 8.87 3.46
N TRP A 176 -9.77 7.84 2.96
CA TRP A 176 -9.41 7.24 1.68
C TRP A 176 -9.65 8.29 0.61
N PHE A 177 -10.81 8.93 0.71
CA PHE A 177 -11.25 9.96 -0.23
C PHE A 177 -10.22 11.07 -0.37
N ASP A 178 -9.86 11.67 0.75
CA ASP A 178 -8.86 12.73 0.78
C ASP A 178 -7.52 12.23 0.25
N HIS A 179 -7.16 11.00 0.63
CA HIS A 179 -5.90 10.39 0.24
C HIS A 179 -5.72 10.35 -1.25
N ILE A 180 -6.66 9.70 -1.94
CA ILE A 180 -6.54 9.59 -3.36
C ILE A 180 -6.82 10.93 -4.09
N LYS A 181 -7.77 11.72 -3.61
CA LYS A 181 -8.04 12.98 -4.30
C LYS A 181 -6.77 13.83 -4.31
N GLY A 182 -6.09 13.87 -3.17
CA GLY A 182 -4.86 14.64 -3.07
C GLY A 182 -3.77 14.17 -4.04
N TRP A 183 -3.46 12.87 -4.03
CA TRP A 183 -2.43 12.31 -4.89
C TRP A 183 -2.72 12.39 -6.40
N LEU A 184 -3.99 12.41 -6.80
CA LEU A 184 -4.28 12.50 -8.21
C LEU A 184 -3.95 13.91 -8.73
N ARG A 185 -3.67 14.83 -7.82
CA ARG A 185 -3.32 16.18 -8.23
C ARG A 185 -2.00 16.20 -8.99
N MET A 186 -1.28 15.08 -8.97
CA MET A 186 -0.01 14.97 -9.68
C MET A 186 -0.22 14.41 -11.08
N LYS A 187 -1.39 13.86 -11.36
CA LYS A 187 -1.69 13.28 -12.68
C LYS A 187 -1.38 14.29 -13.77
N GLY A 188 -0.38 13.99 -14.58
CA GLY A 188 0.00 14.89 -15.65
C GLY A 188 1.50 15.02 -15.71
N LYS A 189 2.16 14.93 -14.56
CA LYS A 189 3.61 15.02 -14.54
C LYS A 189 4.07 13.71 -15.14
N ASP A 190 5.15 13.74 -15.91
CA ASP A 190 5.63 12.51 -16.54
C ASP A 190 6.32 11.57 -15.56
N ASN A 191 6.61 12.06 -14.35
CA ASN A 191 7.26 11.23 -13.35
C ASN A 191 6.23 10.80 -12.31
N PHE A 192 5.01 10.56 -12.78
CA PHE A 192 3.91 10.12 -11.93
C PHE A 192 3.07 9.13 -12.73
N LEU A 193 2.76 8.01 -12.10
CA LEU A 193 1.94 6.99 -12.73
C LEU A 193 0.81 6.59 -11.79
N PHE A 194 -0.41 6.62 -12.29
CA PHE A 194 -1.56 6.23 -11.50
C PHE A 194 -2.10 4.94 -12.10
N ILE A 195 -2.18 3.90 -11.28
CA ILE A 195 -2.69 2.63 -11.77
C ILE A 195 -3.52 2.01 -10.65
N THR A 196 -4.45 1.15 -11.03
CA THR A 196 -5.33 0.53 -10.05
C THR A 196 -5.24 -0.98 -9.89
N TYR A 197 -5.55 -1.44 -8.68
CA TYR A 197 -5.57 -2.85 -8.34
C TYR A 197 -6.46 -3.60 -9.36
N GLU A 198 -7.49 -2.93 -9.84
CA GLU A 198 -8.41 -3.52 -10.80
C GLU A 198 -7.79 -3.75 -12.19
N GLU A 199 -6.88 -2.87 -12.57
CA GLU A 199 -6.23 -3.01 -13.88
C GLU A 199 -5.26 -4.17 -13.88
N LEU A 200 -4.55 -4.35 -12.77
CA LEU A 200 -3.60 -5.45 -12.61
C LEU A 200 -4.34 -6.79 -12.61
N GLN A 201 -5.53 -6.80 -12.02
CA GLN A 201 -6.33 -8.01 -11.94
C GLN A 201 -6.89 -8.40 -13.31
N GLN A 202 -7.19 -7.39 -14.11
CA GLN A 202 -7.76 -7.65 -15.42
C GLN A 202 -6.73 -7.96 -16.50
N ASP A 203 -5.50 -7.52 -16.28
CA ASP A 203 -4.43 -7.75 -17.25
C ASP A 203 -3.09 -7.43 -16.63
N LEU A 204 -2.54 -8.40 -15.91
CA LEU A 204 -1.28 -8.21 -15.23
C LEU A 204 -0.12 -7.91 -16.19
N GLN A 205 -0.02 -8.68 -17.27
CA GLN A 205 1.05 -8.48 -18.24
C GLN A 205 0.98 -7.06 -18.82
N GLY A 206 -0.20 -6.68 -19.28
CA GLY A 206 -0.40 -5.35 -19.83
C GLY A 206 0.08 -4.30 -18.84
N SER A 207 -0.36 -4.44 -17.57
CA SER A 207 0.05 -3.50 -16.53
C SER A 207 1.56 -3.49 -16.37
N VAL A 208 2.18 -4.68 -16.31
CA VAL A 208 3.62 -4.77 -16.15
C VAL A 208 4.37 -4.01 -17.25
N GLU A 209 4.02 -4.26 -18.51
CA GLU A 209 4.68 -3.60 -19.64
C GLU A 209 4.55 -2.09 -19.47
N ARG A 210 3.36 -1.68 -19.06
CA ARG A 210 3.03 -0.28 -18.85
C ARG A 210 3.94 0.34 -17.81
N ILE A 211 4.10 -0.36 -16.70
CA ILE A 211 4.95 0.10 -15.63
C ILE A 211 6.42 0.10 -16.07
N CYS A 212 6.76 -0.75 -17.03
CA CYS A 212 8.13 -0.79 -17.52
C CYS A 212 8.38 0.45 -18.37
N GLY A 213 7.39 0.82 -19.18
CA GLY A 213 7.52 2.00 -20.01
C GLY A 213 7.76 3.17 -19.09
N PHE A 214 6.87 3.32 -18.10
CA PHE A 214 6.97 4.39 -17.13
C PHE A 214 8.33 4.48 -16.45
N LEU A 215 8.89 3.33 -16.11
CA LEU A 215 10.20 3.29 -15.45
C LEU A 215 11.39 3.38 -16.41
N GLY A 216 11.12 3.23 -17.71
CA GLY A 216 12.19 3.26 -18.69
C GLY A 216 13.02 1.99 -18.59
N ARG A 217 12.35 0.86 -18.35
CA ARG A 217 13.02 -0.43 -18.23
C ARG A 217 12.31 -1.54 -19.02
N PRO A 218 12.54 -1.59 -20.34
CA PRO A 218 11.93 -2.59 -21.23
C PRO A 218 12.33 -4.02 -20.86
N LEU A 219 11.50 -4.99 -21.24
CA LEU A 219 11.79 -6.38 -20.93
C LEU A 219 11.48 -7.31 -22.10
N GLY A 220 12.25 -8.38 -22.21
CA GLY A 220 12.05 -9.33 -23.28
C GLY A 220 10.83 -10.17 -22.97
N LYS A 221 10.17 -10.70 -24.01
CA LYS A 221 8.98 -11.54 -23.81
C LYS A 221 9.32 -12.55 -22.72
N GLU A 222 10.63 -12.75 -22.55
CA GLU A 222 11.16 -13.67 -21.56
C GLU A 222 10.99 -13.18 -20.12
N ALA A 223 11.85 -12.24 -19.72
CA ALA A 223 11.82 -11.66 -18.39
C ALA A 223 10.39 -11.24 -18.01
N LEU A 224 9.67 -10.73 -19.00
CA LEU A 224 8.32 -10.27 -18.82
C LEU A 224 7.49 -11.39 -18.26
N GLY A 225 7.51 -12.52 -18.96
CA GLY A 225 6.76 -13.69 -18.52
C GLY A 225 7.10 -14.08 -17.09
N SER A 226 8.37 -13.95 -16.73
CA SER A 226 8.80 -14.29 -15.39
C SER A 226 8.18 -13.36 -14.35
N VAL A 227 8.29 -12.04 -14.59
CA VAL A 227 7.74 -11.02 -13.69
C VAL A 227 6.25 -11.29 -13.46
N VAL A 228 5.55 -11.62 -14.55
CA VAL A 228 4.12 -11.92 -14.50
C VAL A 228 3.87 -13.17 -13.64
N ALA A 229 4.60 -14.25 -13.95
CA ALA A 229 4.46 -15.51 -13.25
C ALA A 229 4.67 -15.37 -11.75
N HIS A 230 5.75 -14.69 -11.37
CA HIS A 230 6.07 -14.51 -9.97
C HIS A 230 5.26 -13.45 -9.23
N SER A 231 4.52 -12.63 -9.96
CA SER A 231 3.72 -11.58 -9.33
C SER A 231 2.32 -12.05 -9.00
N THR A 232 1.96 -13.21 -9.55
CA THR A 232 0.64 -13.78 -9.34
C THR A 232 0.37 -14.08 -7.88
N PHE A 233 -0.89 -13.87 -7.47
CA PHE A 233 -1.31 -14.10 -6.09
C PHE A 233 -0.85 -15.47 -5.56
N SER A 234 -1.16 -16.53 -6.30
CA SER A 234 -0.76 -17.87 -5.87
C SER A 234 0.74 -17.95 -5.62
N ALA A 235 1.55 -17.49 -6.57
CA ALA A 235 3.00 -17.51 -6.43
C ALA A 235 3.45 -16.70 -5.21
N MET A 236 2.89 -15.50 -5.08
CA MET A 236 3.25 -14.62 -4.00
C MET A 236 2.90 -15.14 -2.61
N LYS A 237 1.76 -15.81 -2.50
CA LYS A 237 1.36 -16.34 -1.19
C LYS A 237 2.27 -17.49 -0.79
N ALA A 238 2.93 -18.10 -1.76
CA ALA A 238 3.82 -19.22 -1.48
C ALA A 238 5.26 -18.79 -1.19
N ASN A 239 5.60 -17.54 -1.51
CA ASN A 239 6.96 -17.05 -1.26
C ASN A 239 7.09 -16.54 0.17
N THR A 240 7.81 -17.30 0.99
CA THR A 240 8.00 -16.95 2.39
C THR A 240 8.55 -15.55 2.65
N MET A 241 9.32 -15.01 1.70
CA MET A 241 9.86 -13.67 1.90
C MET A 241 8.86 -12.58 1.55
N SER A 242 7.85 -12.92 0.76
CA SER A 242 6.87 -11.94 0.35
C SER A 242 5.52 -12.01 1.07
N ASN A 243 5.20 -13.13 1.70
CA ASN A 243 3.91 -13.27 2.37
C ASN A 243 3.86 -12.93 3.84
N TYR A 244 4.90 -12.27 4.33
CA TYR A 244 4.97 -11.84 5.72
C TYR A 244 4.88 -12.91 6.81
N THR A 245 5.00 -14.18 6.45
CA THR A 245 4.93 -15.24 7.47
C THR A 245 6.19 -15.28 8.33
N LEU A 246 7.13 -14.37 8.08
CA LEU A 246 8.36 -14.33 8.87
C LEU A 246 8.27 -13.34 10.02
N LEU A 247 7.23 -12.51 10.01
CA LEU A 247 7.04 -11.52 11.07
C LEU A 247 6.65 -12.16 12.39
N PRO A 248 6.98 -11.52 13.52
CA PRO A 248 6.68 -11.95 14.89
C PRO A 248 5.19 -12.10 15.11
N PRO A 249 4.74 -13.25 15.60
CA PRO A 249 3.31 -13.48 15.83
C PRO A 249 2.53 -12.34 16.46
N SER A 250 3.17 -11.53 17.30
CA SER A 250 2.45 -10.42 17.92
C SER A 250 2.11 -9.35 16.88
N LEU A 251 3.05 -9.10 15.97
CA LEU A 251 2.88 -8.10 14.92
C LEU A 251 1.85 -8.57 13.90
N LEU A 252 1.85 -9.87 13.60
CA LEU A 252 0.90 -10.45 12.67
C LEU A 252 0.58 -11.87 13.12
N ASP A 253 -0.65 -12.06 13.59
CA ASP A 253 -1.10 -13.36 14.08
C ASP A 253 -1.31 -14.40 12.96
N HIS A 254 -0.22 -15.09 12.60
CA HIS A 254 -0.27 -16.11 11.55
C HIS A 254 -1.24 -17.22 11.91
N ARG A 255 -1.42 -17.41 13.20
CA ARG A 255 -2.33 -18.43 13.69
C ARG A 255 -3.78 -18.08 13.29
N ARG A 256 -4.08 -16.79 13.19
CA ARG A 256 -5.43 -16.32 12.85
C ARG A 256 -5.69 -15.93 11.39
N GLY A 257 -4.66 -15.61 10.64
CA GLY A 257 -4.87 -15.22 9.25
C GLY A 257 -3.61 -14.94 8.47
N ALA A 258 -3.78 -14.66 7.18
CA ALA A 258 -2.63 -14.38 6.32
C ALA A 258 -2.72 -12.95 5.75
N PHE A 259 -1.55 -12.32 5.55
CA PHE A 259 -1.52 -10.97 4.98
C PHE A 259 -2.16 -11.04 3.61
N LEU A 260 -1.79 -12.04 2.81
CA LEU A 260 -2.40 -12.19 1.50
C LEU A 260 -3.65 -13.04 1.69
N ARG A 261 -4.74 -12.38 2.08
CA ARG A 261 -6.03 -13.00 2.37
C ARG A 261 -6.76 -13.72 1.22
N LYS A 262 -7.33 -12.99 0.27
CA LYS A 262 -8.02 -13.62 -0.86
C LYS A 262 -7.47 -13.22 -2.22
N GLY A 263 -7.17 -11.94 -2.38
CA GLY A 263 -6.60 -11.46 -3.62
C GLY A 263 -7.55 -11.35 -4.81
N VAL A 264 -8.78 -10.91 -4.57
CA VAL A 264 -9.71 -10.75 -5.69
C VAL A 264 -10.39 -9.38 -5.68
N CYS A 265 -11.27 -9.15 -6.65
CA CYS A 265 -12.02 -7.89 -6.68
C CYS A 265 -13.44 -8.28 -6.31
N GLY A 266 -14.18 -7.37 -5.70
CA GLY A 266 -15.55 -7.65 -5.37
C GLY A 266 -15.86 -8.41 -4.09
N ASP A 267 -14.87 -8.68 -3.25
CA ASP A 267 -15.16 -9.40 -2.03
C ASP A 267 -16.09 -8.57 -1.17
N TRP A 268 -16.13 -7.27 -1.43
CA TRP A 268 -16.99 -6.40 -0.65
C TRP A 268 -18.44 -6.86 -0.69
N LYS A 269 -18.87 -7.38 -1.85
CA LYS A 269 -20.23 -7.83 -2.02
C LYS A 269 -20.65 -8.94 -1.05
N ASN A 270 -19.68 -9.58 -0.38
CA ASN A 270 -20.01 -10.63 0.57
C ASN A 270 -19.87 -10.05 1.99
N HIS A 271 -19.50 -8.79 2.07
N HIS A 271 -19.47 -8.78 2.09
CA HIS A 271 -19.36 -8.24 3.38
CA HIS A 271 -19.26 -8.13 3.39
C HIS A 271 -20.33 -7.08 3.61
C HIS A 271 -20.23 -6.99 3.64
N PHE A 272 -20.60 -6.23 2.60
CA PHE A 272 -21.54 -5.12 2.77
C PHE A 272 -23.02 -5.60 2.71
N THR A 273 -23.85 -5.12 3.64
CA THR A 273 -25.26 -5.47 3.59
C THR A 273 -25.75 -4.42 2.58
N VAL A 274 -26.94 -4.60 2.02
CA VAL A 274 -27.45 -3.63 1.07
C VAL A 274 -27.55 -2.25 1.73
N ALA A 275 -27.91 -2.22 3.01
CA ALA A 275 -28.03 -0.95 3.71
C ALA A 275 -26.68 -0.27 3.81
N GLN A 276 -25.65 -1.05 4.13
CA GLN A 276 -24.33 -0.49 4.24
C GLN A 276 -23.83 -0.04 2.88
N SER A 277 -24.18 -0.78 1.84
CA SER A 277 -23.76 -0.42 0.49
C SER A 277 -24.38 0.91 0.07
N GLU A 278 -25.67 1.08 0.34
CA GLU A 278 -26.35 2.31 -0.05
C GLU A 278 -25.81 3.53 0.70
N ALA A 279 -25.55 3.36 2.00
CA ALA A 279 -25.02 4.44 2.81
C ALA A 279 -23.66 4.82 2.26
N PHE A 280 -22.86 3.81 1.98
CA PHE A 280 -21.52 4.04 1.44
C PHE A 280 -21.55 4.84 0.15
N ASP A 281 -22.46 4.49 -0.76
CA ASP A 281 -22.56 5.19 -2.03
C ASP A 281 -22.90 6.67 -1.85
N ARG A 282 -23.72 6.97 -0.86
CA ARG A 282 -24.07 8.37 -0.64
C ARG A 282 -22.81 9.13 -0.20
N ALA A 283 -21.99 8.48 0.63
CA ALA A 283 -20.79 9.14 1.10
C ALA A 283 -19.81 9.32 -0.05
N TYR A 284 -19.74 8.32 -0.92
CA TYR A 284 -18.84 8.38 -2.08
C TYR A 284 -19.33 9.45 -3.04
N ARG A 285 -20.63 9.44 -3.31
CA ARG A 285 -21.26 10.39 -4.21
C ARG A 285 -20.96 11.84 -3.83
N LYS A 286 -20.94 12.13 -2.52
CA LYS A 286 -20.68 13.47 -2.00
C LYS A 286 -19.22 13.85 -1.97
N GLN A 287 -18.34 12.93 -1.58
CA GLN A 287 -16.90 13.22 -1.51
C GLN A 287 -16.20 13.18 -2.85
N MET A 288 -16.75 12.41 -3.78
CA MET A 288 -16.13 12.27 -5.10
C MET A 288 -16.88 13.00 -6.20
N ARG A 289 -17.62 14.03 -5.81
CA ARG A 289 -18.41 14.84 -6.75
C ARG A 289 -17.68 15.18 -8.06
N GLY A 290 -16.54 15.87 -7.97
CA GLY A 290 -15.88 16.25 -9.20
C GLY A 290 -15.01 15.25 -9.94
N MET A 291 -14.64 14.17 -9.26
CA MET A 291 -13.76 13.15 -9.81
C MET A 291 -14.13 12.46 -11.13
N PRO A 292 -13.11 11.93 -11.81
CA PRO A 292 -13.34 11.24 -13.07
C PRO A 292 -13.80 9.82 -12.73
N THR A 293 -14.08 9.01 -13.75
CA THR A 293 -14.54 7.64 -13.54
C THR A 293 -13.38 6.68 -13.31
N PHE A 294 -13.55 5.76 -12.37
CA PHE A 294 -12.51 4.76 -12.07
C PHE A 294 -13.06 3.39 -12.44
N PRO A 295 -12.18 2.38 -12.55
CA PRO A 295 -12.66 1.05 -12.89
C PRO A 295 -13.76 0.58 -11.95
N TRP A 296 -13.61 0.86 -10.66
CA TRP A 296 -14.59 0.43 -9.69
C TRP A 296 -15.89 1.22 -9.63
N ASP A 297 -16.10 2.13 -10.57
CA ASP A 297 -17.34 2.91 -10.62
C ASP A 297 -18.30 2.26 -11.62
N GLU A 298 -19.17 1.40 -11.12
CA GLU A 298 -20.16 0.70 -11.96
C GLU A 298 -21.41 1.59 -12.15
#